data_7MQ1
#
_entry.id   7MQ1
#
_cell.length_a   93.302
_cell.length_b   54.869
_cell.length_c   57.514
_cell.angle_alpha   90.000
_cell.angle_beta   115.733
_cell.angle_gamma   90.000
#
_symmetry.space_group_name_H-M   'C 1 2 1'
#
loop_
_entity.id
_entity.type
_entity.pdbx_description
1 polymer 'Copper-sensing transcriptional repressor csoR'
2 non-polymer 'CHLORIDE ION'
3 non-polymer 'TRIETHYLENE GLYCOL'
4 non-polymer GLYCEROL
5 water water
#
_entity_poly.entity_id   1
_entity_poly.type   'polypeptide(L)'
_entity_poly.pdbx_seq_one_letter_code
;GTNSKYITALKRSEGQLRGIQKMIEGDRDCADIVTQLTAVRSSVERVIEMIITENLTECINQPLDDSEAQKERLEKAIRY
LIKRK
;
_entity_poly.pdbx_strand_id   A,B,C
#
loop_
_chem_comp.id
_chem_comp.type
_chem_comp.name
_chem_comp.formula
CL non-polymer 'CHLORIDE ION' 'Cl -1'
GOL non-polymer GLYCEROL 'C3 H8 O3'
PGE non-polymer 'TRIETHYLENE GLYCOL' 'C6 H14 O4'
#
# COMPACT_ATOMS: atom_id res chain seq x y z
N ASN A 3 20.78 -1.24 -13.37
CA ASN A 3 21.90 -2.11 -12.96
C ASN A 3 21.43 -3.45 -12.41
N SER A 4 22.39 -4.24 -11.94
CA SER A 4 22.14 -5.63 -11.59
C SER A 4 21.55 -5.80 -10.20
N LYS A 5 21.45 -4.73 -9.42
CA LYS A 5 20.74 -4.80 -8.14
C LYS A 5 19.23 -4.93 -8.34
N TYR A 6 18.70 -4.31 -9.40
CA TYR A 6 17.27 -4.47 -9.69
C TYR A 6 16.93 -5.91 -10.00
N ILE A 7 17.81 -6.60 -10.72
CA ILE A 7 17.46 -7.92 -11.23
C ILE A 7 17.32 -8.91 -10.08
N THR A 8 18.27 -8.86 -9.12
CA THR A 8 18.13 -9.64 -7.88
C THR A 8 16.79 -9.37 -7.21
N ALA A 9 16.43 -8.09 -7.04
CA ALA A 9 15.18 -7.76 -6.36
C ALA A 9 13.97 -8.25 -7.15
N LEU A 10 13.99 -8.10 -8.48
CA LEU A 10 12.90 -8.61 -9.31
C LEU A 10 12.81 -10.13 -9.23
N LYS A 11 13.96 -10.81 -9.26
CA LYS A 11 13.96 -12.27 -9.13
C LYS A 11 13.33 -12.71 -7.83
N ARG A 12 13.61 -11.99 -6.73
CA ARG A 12 12.99 -12.34 -5.45
C ARG A 12 11.47 -12.14 -5.51
N SER A 13 11.02 -11.00 -6.03
CA SER A 13 9.58 -10.76 -6.14
C SER A 13 8.91 -11.86 -6.93
N GLU A 14 9.53 -12.26 -8.03
CA GLU A 14 9.02 -13.35 -8.84
C GLU A 14 8.93 -14.65 -8.04
N GLY A 15 9.97 -14.96 -7.25
CA GLY A 15 9.90 -16.11 -6.37
C GLY A 15 8.76 -16.01 -5.37
N GLN A 16 8.58 -14.83 -4.76
CA GLN A 16 7.47 -14.68 -3.82
C GLN A 16 6.12 -14.82 -4.51
N LEU A 17 6.01 -14.38 -5.76
CA LEU A 17 4.71 -14.48 -6.42
C LEU A 17 4.32 -15.94 -6.64
N ARG A 18 5.27 -16.79 -7.00
CA ARG A 18 4.89 -18.18 -7.18
C ARG A 18 4.60 -18.86 -5.85
N GLY A 19 5.30 -18.45 -4.78
CA GLY A 19 4.94 -18.91 -3.46
C GLY A 19 3.52 -18.52 -3.06
N ILE A 20 3.13 -17.29 -3.37
CA ILE A 20 1.76 -16.88 -3.05
C ILE A 20 0.76 -17.72 -3.83
N GLN A 21 1.12 -18.08 -5.07
CA GLN A 21 0.31 -19.03 -5.82
C GLN A 21 0.11 -20.33 -5.04
N LYS A 22 1.18 -20.86 -4.46
CA LYS A 22 1.04 -22.08 -3.67
C LYS A 22 0.20 -21.85 -2.42
N MET A 23 0.19 -20.62 -1.89
CA MET A 23 -0.61 -20.35 -0.69
C MET A 23 -2.10 -20.35 -1.03
N ILE A 24 -2.47 -19.76 -2.16
CA ILE A 24 -3.88 -19.78 -2.54
C ILE A 24 -4.32 -21.19 -2.89
N GLU A 25 -3.53 -21.89 -3.69
CA GLU A 25 -3.81 -23.26 -4.11
C GLU A 25 -3.73 -24.25 -2.95
N GLY A 26 -3.26 -23.83 -1.78
CA GLY A 26 -3.39 -24.60 -0.56
C GLY A 26 -4.36 -24.06 0.47
N ASP A 27 -5.19 -23.10 0.04
CA ASP A 27 -6.33 -22.61 0.83
C ASP A 27 -5.86 -21.93 2.12
N ARG A 28 -4.76 -21.18 2.03
CA ARG A 28 -4.36 -20.29 3.12
C ARG A 28 -5.33 -19.11 3.22
N ASP A 29 -5.24 -18.40 4.35
CA ASP A 29 -6.27 -17.45 4.74
C ASP A 29 -5.97 -16.05 4.17
N CYS A 30 -6.92 -15.13 4.40
CA CYS A 30 -6.83 -13.81 3.77
C CYS A 30 -5.59 -13.05 4.24
N ALA A 31 -5.28 -13.11 5.53
CA ALA A 31 -4.25 -12.23 6.08
C ALA A 31 -2.87 -12.68 5.63
N ASP A 32 -2.62 -13.98 5.65
CA ASP A 32 -1.31 -14.51 5.24
C ASP A 32 -1.05 -14.20 3.78
N ILE A 33 -2.07 -14.37 2.93
CA ILE A 33 -1.92 -14.08 1.51
C ILE A 33 -1.72 -12.58 1.29
N VAL A 34 -2.54 -11.74 1.93
CA VAL A 34 -2.42 -10.30 1.68
C VAL A 34 -1.07 -9.79 2.17
N THR A 35 -0.61 -10.27 3.32
CA THR A 35 0.67 -9.81 3.82
C THR A 35 1.77 -10.06 2.80
N GLN A 36 1.78 -11.24 2.18
CA GLN A 36 2.83 -11.54 1.22
C GLN A 36 2.67 -10.73 -0.06
N LEU A 37 1.44 -10.58 -0.53
CA LEU A 37 1.21 -9.82 -1.76
C LEU A 37 1.62 -8.37 -1.58
N THR A 38 1.35 -7.82 -0.39
CA THR A 38 1.77 -6.45 -0.09
C THR A 38 3.28 -6.32 -0.11
N ALA A 39 4.00 -7.30 0.47
CA ALA A 39 5.45 -7.31 0.40
C ALA A 39 5.96 -7.36 -1.03
N VAL A 40 5.35 -8.18 -1.88
CA VAL A 40 5.71 -8.14 -3.30
C VAL A 40 5.42 -6.76 -3.88
N ARG A 41 4.26 -6.21 -3.57
CA ARG A 41 3.91 -4.93 -4.19
C ARG A 41 4.91 -3.84 -3.80
N SER A 42 5.29 -3.78 -2.53
CA SER A 42 6.25 -2.76 -2.10
C SER A 42 7.60 -2.97 -2.75
N SER A 43 8.02 -4.23 -2.94
CA SER A 43 9.35 -4.44 -3.51
C SER A 43 9.39 -4.04 -4.98
N VAL A 44 8.31 -4.28 -5.71
CA VAL A 44 8.22 -3.78 -7.08
C VAL A 44 8.21 -2.26 -7.10
N GLU A 45 7.38 -1.66 -6.24
CA GLU A 45 7.31 -0.20 -6.16
C GLU A 45 8.67 0.40 -5.82
N ARG A 46 9.43 -0.28 -4.96
CA ARG A 46 10.73 0.26 -4.58
C ARG A 46 11.67 0.27 -5.78
N VAL A 47 11.59 -0.74 -6.65
CA VAL A 47 12.40 -0.70 -7.87
C VAL A 47 11.94 0.44 -8.78
N ILE A 48 10.61 0.60 -8.91
CA ILE A 48 10.06 1.70 -9.69
C ILE A 48 10.59 3.03 -9.18
N GLU A 49 10.51 3.23 -7.87
CA GLU A 49 10.95 4.49 -7.29
C GLU A 49 12.43 4.70 -7.53
N MET A 50 13.24 3.65 -7.36
CA MET A 50 14.67 3.82 -7.57
C MET A 50 14.99 4.17 -9.01
N ILE A 51 14.27 3.58 -9.97
CA ILE A 51 14.53 3.92 -11.37
C ILE A 51 14.09 5.34 -11.67
N ILE A 52 12.92 5.73 -11.19
CA ILE A 52 12.44 7.09 -11.38
C ILE A 52 13.40 8.09 -10.74
N THR A 53 13.83 7.81 -9.52
CA THR A 53 14.75 8.70 -8.80
C THR A 53 16.05 8.87 -9.56
N GLU A 54 16.66 7.76 -9.97
CA GLU A 54 17.92 7.83 -10.71
C GLU A 54 17.75 8.56 -12.03
N ASN A 55 16.66 8.26 -12.75
CA ASN A 55 16.42 8.94 -14.01
C ASN A 55 16.28 10.46 -13.82
N LEU A 56 15.50 10.89 -12.82
CA LEU A 56 15.37 12.33 -12.60
C LEU A 56 16.70 12.92 -12.16
N THR A 57 17.46 12.20 -11.32
CA THR A 57 18.76 12.72 -10.90
C THR A 57 19.66 12.97 -12.11
N GLU A 58 19.69 12.04 -13.05
CA GLU A 58 20.63 12.19 -14.16
C GLU A 58 20.17 13.30 -15.09
N CYS A 59 18.85 13.50 -15.22
CA CYS A 59 18.33 14.60 -16.05
C CYS A 59 18.70 15.95 -15.46
N ILE A 60 18.68 16.06 -14.13
CA ILE A 60 19.07 17.32 -13.49
C ILE A 60 20.58 17.49 -13.54
N ASN A 61 21.31 16.41 -13.28
CA ASN A 61 22.74 16.50 -13.03
C ASN A 61 23.54 16.53 -14.32
N GLN A 62 22.99 15.99 -15.40
CA GLN A 62 23.68 15.91 -16.70
C GLN A 62 22.74 16.43 -17.79
N PRO A 63 22.55 17.73 -17.88
CA PRO A 63 21.58 18.26 -18.85
C PRO A 63 22.07 18.14 -20.29
N LEU A 64 21.10 17.99 -21.19
CA LEU A 64 21.36 18.04 -22.63
C LEU A 64 21.83 19.43 -23.03
N ASP A 65 22.54 19.49 -24.16
CA ASP A 65 22.99 20.78 -24.70
C ASP A 65 21.82 21.64 -25.16
N ASP A 66 20.82 21.04 -25.79
CA ASP A 66 19.73 21.82 -26.36
C ASP A 66 18.73 22.17 -25.27
N SER A 67 18.34 23.45 -25.21
CA SER A 67 17.47 23.91 -24.15
C SER A 67 16.08 23.27 -24.23
N GLU A 68 15.48 23.26 -25.43
CA GLU A 68 14.19 22.61 -25.57
C GLU A 68 14.29 21.12 -25.26
N ALA A 69 15.33 20.45 -25.77
CA ALA A 69 15.50 19.02 -25.49
C ALA A 69 15.58 18.76 -23.98
N GLN A 70 16.40 19.55 -23.28
CA GLN A 70 16.52 19.42 -21.83
C GLN A 70 15.19 19.75 -21.14
N LYS A 71 14.45 20.73 -21.65
CA LYS A 71 13.13 20.99 -21.09
C LYS A 71 12.23 19.76 -21.19
N GLU A 72 12.11 19.17 -22.37
CA GLU A 72 11.19 18.05 -22.52
C GLU A 72 11.66 16.85 -21.71
N ARG A 73 12.97 16.64 -21.63
CA ARG A 73 13.50 15.50 -20.88
C ARG A 73 13.25 15.64 -19.37
N LEU A 74 13.51 16.81 -18.78
CA LEU A 74 13.14 17.01 -17.37
C LEU A 74 11.66 16.85 -17.11
N GLU A 75 10.83 17.42 -17.98
CA GLU A 75 9.38 17.31 -17.82
C GLU A 75 8.96 15.85 -17.78
N LYS A 76 9.47 15.03 -18.70
CA LYS A 76 9.12 13.60 -18.65
C LYS A 76 9.59 12.97 -17.36
N ALA A 77 10.80 13.32 -16.89
CA ALA A 77 11.32 12.74 -15.65
C ALA A 77 10.47 13.12 -14.44
N ILE A 78 10.07 14.39 -14.37
CA ILE A 78 9.24 14.87 -13.26
C ILE A 78 7.84 14.27 -13.32
N ARG A 79 7.29 14.11 -14.53
CA ARG A 79 5.95 13.56 -14.67
C ARG A 79 5.87 12.17 -14.05
N TYR A 80 6.90 11.34 -14.28
CA TYR A 80 6.97 10.05 -13.60
C TYR A 80 7.01 10.21 -12.09
N LEU A 81 7.71 11.23 -11.60
CA LEU A 81 7.78 11.45 -10.16
C LEU A 81 6.39 11.70 -9.57
N ILE A 82 5.56 12.50 -10.25
CA ILE A 82 4.26 12.84 -9.66
C ILE A 82 3.14 11.92 -10.10
N LYS A 83 3.31 11.11 -11.13
CA LYS A 83 2.25 10.17 -11.48
C LYS A 83 2.15 9.15 -10.35
N GLY B 1 -12.64 -21.38 -8.76
CA GLY B 1 -13.01 -20.30 -9.65
C GLY B 1 -12.44 -18.93 -9.28
N THR B 2 -12.83 -18.42 -8.11
CA THR B 2 -12.18 -17.24 -7.55
C THR B 2 -10.68 -17.43 -7.45
N ASN B 3 -10.26 -18.56 -6.86
CA ASN B 3 -8.86 -18.77 -6.59
C ASN B 3 -8.07 -19.05 -7.87
N SER B 4 -8.68 -19.70 -8.86
CA SER B 4 -8.00 -19.87 -10.14
C SER B 4 -7.79 -18.52 -10.82
N LYS B 5 -8.79 -17.64 -10.75
CA LYS B 5 -8.63 -16.30 -11.30
C LYS B 5 -7.40 -15.61 -10.72
N TYR B 6 -7.21 -15.71 -9.40
CA TYR B 6 -6.05 -15.06 -8.79
C TYR B 6 -4.75 -15.65 -9.33
N ILE B 7 -4.70 -16.98 -9.48
CA ILE B 7 -3.43 -17.62 -9.85
C ILE B 7 -3.05 -17.30 -11.28
N THR B 8 -4.03 -17.26 -12.18
CA THR B 8 -3.78 -16.76 -13.53
C THR B 8 -3.15 -15.38 -13.50
N ALA B 9 -3.73 -14.45 -12.73
CA ALA B 9 -3.19 -13.10 -12.65
C ALA B 9 -1.79 -13.10 -12.07
N LEU B 10 -1.55 -13.88 -11.03
CA LEU B 10 -0.23 -13.84 -10.42
C LEU B 10 0.82 -14.45 -11.35
N LYS B 11 0.44 -15.46 -12.14
CA LYS B 11 1.38 -16.07 -13.07
C LYS B 11 1.69 -15.14 -14.25
N ARG B 12 0.69 -14.39 -14.74
CA ARG B 12 0.97 -13.30 -15.65
C ARG B 12 2.02 -12.35 -15.07
N SER B 13 1.83 -11.94 -13.81
CA SER B 13 2.72 -10.94 -13.20
C SER B 13 4.14 -11.46 -13.06
N GLU B 14 4.32 -12.73 -12.63
CA GLU B 14 5.68 -13.23 -12.49
C GLU B 14 6.34 -13.40 -13.86
N GLY B 15 5.55 -13.79 -14.87
CA GLY B 15 6.06 -13.77 -16.24
C GLY B 15 6.53 -12.39 -16.67
N GLN B 16 5.75 -11.35 -16.38
CA GLN B 16 6.18 -10.00 -16.78
C GLN B 16 7.42 -9.55 -16.03
N LEU B 17 7.58 -9.97 -14.77
CA LEU B 17 8.80 -9.68 -14.02
C LEU B 17 10.03 -10.28 -14.70
N ARG B 18 9.95 -11.54 -15.15
CA ARG B 18 11.09 -12.10 -15.89
C ARG B 18 11.38 -11.31 -17.17
N GLY B 19 10.35 -10.92 -17.91
CA GLY B 19 10.57 -10.09 -19.08
C GLY B 19 11.27 -8.79 -18.74
N ILE B 20 10.81 -8.13 -17.67
CA ILE B 20 11.42 -6.88 -17.25
C ILE B 20 12.89 -7.11 -16.88
N GLN B 21 13.18 -8.25 -16.23
CA GLN B 21 14.57 -8.61 -15.92
C GLN B 21 15.43 -8.60 -17.17
N LYS B 22 14.97 -9.25 -18.23
CA LYS B 22 15.76 -9.31 -19.46
C LYS B 22 15.99 -7.92 -20.03
N MET B 23 14.99 -7.05 -19.94
CA MET B 23 15.11 -5.67 -20.39
C MET B 23 16.27 -4.95 -19.71
N ILE B 24 16.36 -5.09 -18.39
CA ILE B 24 17.36 -4.31 -17.65
C ILE B 24 18.76 -4.82 -17.96
N GLU B 25 18.91 -6.13 -18.17
CA GLU B 25 20.20 -6.69 -18.54
C GLU B 25 20.69 -6.14 -19.88
N GLY B 26 19.76 -5.81 -20.78
CA GLY B 26 20.07 -5.23 -22.07
C GLY B 26 20.26 -3.73 -22.09
N ASP B 27 20.19 -3.07 -20.93
CA ASP B 27 20.14 -1.61 -20.87
C ASP B 27 19.03 -1.07 -21.78
N ARG B 28 17.88 -1.74 -21.75
CA ARG B 28 16.76 -1.39 -22.62
C ARG B 28 16.08 -0.13 -22.09
N ASP B 29 15.01 0.27 -22.78
CA ASP B 29 14.45 1.61 -22.62
C ASP B 29 13.89 1.83 -21.22
N CYS B 30 14.24 2.96 -20.62
CA CYS B 30 13.89 3.19 -19.22
C CYS B 30 12.41 3.52 -19.04
N ALA B 31 11.83 4.28 -19.98
CA ALA B 31 10.41 4.59 -19.93
C ALA B 31 9.56 3.33 -20.08
N ASP B 32 9.97 2.41 -20.95
CA ASP B 32 9.29 1.11 -21.06
C ASP B 32 9.40 0.32 -19.76
N ILE B 33 10.59 0.32 -19.15
CA ILE B 33 10.79 -0.50 -17.96
C ILE B 33 9.87 -0.05 -16.83
N VAL B 34 9.72 1.26 -16.64
CA VAL B 34 8.81 1.78 -15.62
C VAL B 34 7.37 1.44 -15.97
N THR B 35 6.99 1.58 -17.24
CA THR B 35 5.61 1.31 -17.62
C THR B 35 5.22 -0.12 -17.26
N GLN B 36 6.08 -1.08 -17.55
CA GLN B 36 5.70 -2.47 -17.31
C GLN B 36 5.83 -2.84 -15.84
N LEU B 37 6.86 -2.33 -15.17
CA LEU B 37 6.91 -2.44 -13.72
C LEU B 37 5.62 -1.94 -13.09
N THR B 38 5.16 -0.76 -13.51
CA THR B 38 3.90 -0.24 -12.98
C THR B 38 2.75 -1.18 -13.28
N ALA B 39 2.73 -1.79 -14.47
CA ALA B 39 1.69 -2.76 -14.80
C ALA B 39 1.71 -3.95 -13.85
N VAL B 40 2.90 -4.46 -13.52
CA VAL B 40 2.97 -5.53 -12.53
C VAL B 40 2.44 -5.05 -11.19
N ARG B 41 2.92 -3.89 -10.73
CA ARG B 41 2.46 -3.36 -9.45
C ARG B 41 0.95 -3.27 -9.43
N SER B 42 0.34 -2.77 -10.51
CA SER B 42 -1.11 -2.60 -10.56
C SER B 42 -1.83 -3.95 -10.49
N SER B 43 -1.32 -4.95 -11.18
CA SER B 43 -2.03 -6.22 -11.19
C SER B 43 -1.93 -6.93 -9.83
N VAL B 44 -0.79 -6.81 -9.15
CA VAL B 44 -0.66 -7.31 -7.77
C VAL B 44 -1.61 -6.57 -6.84
N GLU B 45 -1.68 -5.25 -6.98
CA GLU B 45 -2.62 -4.47 -6.17
C GLU B 45 -4.06 -4.87 -6.46
N ARG B 46 -4.37 -5.16 -7.73
CA ARG B 46 -5.70 -5.67 -8.06
C ARG B 46 -6.04 -6.95 -7.29
N VAL B 47 -5.10 -7.88 -7.20
CA VAL B 47 -5.38 -9.10 -6.45
C VAL B 47 -5.58 -8.78 -4.98
N ILE B 48 -4.75 -7.88 -4.43
CA ILE B 48 -4.88 -7.48 -3.03
C ILE B 48 -6.28 -6.94 -2.78
N GLU B 49 -6.71 -6.00 -3.62
CA GLU B 49 -7.99 -5.34 -3.41
C GLU B 49 -9.15 -6.32 -3.53
N MET B 50 -9.06 -7.26 -4.47
CA MET B 50 -10.12 -8.26 -4.62
C MET B 50 -10.25 -9.12 -3.37
N ILE B 51 -9.10 -9.49 -2.77
CA ILE B 51 -9.13 -10.39 -1.61
C ILE B 51 -9.68 -9.64 -0.40
N ILE B 52 -9.21 -8.42 -0.19
CA ILE B 52 -9.71 -7.60 0.89
C ILE B 52 -11.19 -7.31 0.69
N THR B 53 -11.59 -6.98 -0.53
CA THR B 53 -12.99 -6.71 -0.83
C THR B 53 -13.86 -7.93 -0.52
N GLU B 54 -13.47 -9.10 -1.03
CA GLU B 54 -14.27 -10.30 -0.75
C GLU B 54 -14.31 -10.58 0.75
N ASN B 55 -13.18 -10.42 1.43
CA ASN B 55 -13.16 -10.68 2.87
C ASN B 55 -14.14 -9.76 3.59
N LEU B 56 -14.09 -8.47 3.30
CA LEU B 56 -15.02 -7.53 3.92
C LEU B 56 -16.45 -7.85 3.54
N THR B 57 -16.67 -8.25 2.29
CA THR B 57 -18.03 -8.51 1.84
C THR B 57 -18.64 -9.65 2.63
N GLU B 58 -17.86 -10.72 2.83
CA GLU B 58 -18.45 -11.87 3.47
C GLU B 58 -18.49 -11.68 4.98
N CYS B 59 -17.77 -10.69 5.50
N CYS B 59 -17.74 -10.71 5.51
CA CYS B 59 -17.96 -10.30 6.88
CA CYS B 59 -17.95 -10.26 6.88
C CYS B 59 -19.28 -9.59 7.09
C CYS B 59 -19.33 -9.66 7.04
N ILE B 60 -19.71 -8.79 6.10
CA ILE B 60 -21.00 -8.12 6.18
C ILE B 60 -22.11 -9.08 5.81
N ASN B 61 -21.92 -9.84 4.73
CA ASN B 61 -23.00 -10.65 4.15
C ASN B 61 -23.24 -11.91 4.97
N GLN B 62 -22.22 -12.38 5.71
CA GLN B 62 -22.30 -13.65 6.43
C GLN B 62 -21.83 -13.48 7.87
N PRO B 63 -22.53 -12.67 8.67
CA PRO B 63 -21.97 -12.28 9.97
C PRO B 63 -21.85 -13.46 10.91
N LEU B 64 -20.86 -13.40 11.79
CA LEU B 64 -20.64 -14.47 12.75
C LEU B 64 -21.68 -14.40 13.86
N ASP B 65 -21.91 -15.55 14.46
CA ASP B 65 -23.06 -15.69 15.33
C ASP B 65 -22.69 -15.36 16.76
N ASP B 66 -21.41 -15.46 17.08
CA ASP B 66 -20.84 -14.75 18.22
C ASP B 66 -20.67 -13.27 17.91
N SER B 67 -21.25 -12.43 18.77
CA SER B 67 -21.30 -11.01 18.51
C SER B 67 -19.93 -10.37 18.71
N GLU B 68 -19.19 -10.77 19.76
CA GLU B 68 -17.84 -10.26 19.94
C GLU B 68 -16.89 -10.75 18.86
N ALA B 69 -17.00 -12.02 18.47
CA ALA B 69 -16.24 -12.51 17.33
C ALA B 69 -16.52 -11.68 16.09
N GLN B 70 -17.79 -11.36 15.86
CA GLN B 70 -18.17 -10.63 14.66
C GLN B 70 -17.66 -9.19 14.69
N LYS B 71 -17.66 -8.56 15.87
CA LYS B 71 -17.05 -7.24 16.01
C LYS B 71 -15.57 -7.28 15.65
N GLU B 72 -14.83 -8.24 16.21
CA GLU B 72 -13.40 -8.30 15.96
C GLU B 72 -13.12 -8.62 14.50
N ARG B 73 -13.91 -9.53 13.93
CA ARG B 73 -13.78 -9.90 12.53
C ARG B 73 -13.99 -8.69 11.62
N LEU B 74 -15.05 -7.92 11.85
CA LEU B 74 -15.36 -6.79 10.98
C LEU B 74 -14.30 -5.69 11.12
N GLU B 75 -13.83 -5.47 12.34
CA GLU B 75 -12.79 -4.48 12.55
C GLU B 75 -11.54 -4.80 11.73
N LYS B 76 -11.05 -6.05 11.82
CA LYS B 76 -9.91 -6.47 10.99
C LYS B 76 -10.20 -6.31 9.50
N ALA B 77 -11.40 -6.67 9.07
CA ALA B 77 -11.74 -6.53 7.66
C ALA B 77 -11.69 -5.07 7.22
N ILE B 78 -12.22 -4.16 8.04
CA ILE B 78 -12.21 -2.75 7.67
C ILE B 78 -10.80 -2.18 7.71
N ARG B 79 -10.00 -2.57 8.69
CA ARG B 79 -8.62 -2.10 8.79
C ARG B 79 -7.80 -2.52 7.58
N TYR B 80 -8.04 -3.72 7.03
CA TYR B 80 -7.38 -4.11 5.78
C TYR B 80 -7.77 -3.18 4.65
N LEU B 81 -9.03 -2.76 4.63
CA LEU B 81 -9.50 -1.82 3.63
C LEU B 81 -8.82 -0.46 3.81
N ILE B 82 -8.61 -0.05 5.07
CA ILE B 82 -8.04 1.26 5.38
C ILE B 82 -6.58 1.33 4.95
N LYS B 83 -5.85 0.23 5.05
CA LYS B 83 -4.40 0.29 5.01
C LYS B 83 -3.94 0.24 3.56
N ASN C 3 -11.48 5.13 25.10
CA ASN C 3 -10.35 4.21 25.02
C ASN C 3 -9.11 4.86 25.59
N SER C 4 -8.58 4.29 26.67
CA SER C 4 -7.20 4.56 27.05
C SER C 4 -6.20 3.83 26.17
N LYS C 5 -6.65 2.92 25.31
CA LYS C 5 -5.92 2.59 24.09
C LYS C 5 -5.30 3.83 23.44
N TYR C 6 -6.15 4.78 23.06
CA TYR C 6 -5.68 5.89 22.22
C TYR C 6 -4.83 6.86 23.03
N ILE C 7 -5.12 7.02 24.32
CA ILE C 7 -4.47 8.07 25.09
C ILE C 7 -3.02 7.72 25.36
N THR C 8 -2.71 6.43 25.52
CA THR C 8 -1.31 6.01 25.59
C THR C 8 -0.59 6.26 24.27
N ALA C 9 -1.23 5.96 23.14
CA ALA C 9 -0.62 6.23 21.84
C ALA C 9 -0.43 7.73 21.61
N LEU C 10 -1.39 8.55 22.06
CA LEU C 10 -1.24 9.98 21.88
C LEU C 10 -0.17 10.57 22.78
N LYS C 11 0.14 9.92 23.90
CA LYS C 11 1.28 10.33 24.73
C LYS C 11 2.61 10.03 24.08
N ARG C 12 2.78 8.82 23.55
CA ARG C 12 4.00 8.50 22.84
C ARG C 12 4.27 9.54 21.76
N SER C 13 3.27 9.81 20.91
CA SER C 13 3.46 10.74 19.81
C SER C 13 3.82 12.13 20.31
N GLU C 14 3.07 12.60 21.31
CA GLU C 14 3.30 13.94 21.84
C GLU C 14 4.71 14.07 22.42
N GLY C 15 5.16 13.05 23.15
CA GLY C 15 6.54 13.04 23.61
C GLY C 15 7.56 12.91 22.49
N GLN C 16 7.23 12.13 21.45
CA GLN C 16 8.12 12.07 20.30
C GLN C 16 8.26 13.43 19.63
N LEU C 17 7.22 14.27 19.70
CA LEU C 17 7.29 15.58 19.05
C LEU C 17 8.28 16.51 19.75
N ARG C 18 8.19 16.61 21.07
CA ARG C 18 9.23 17.38 21.76
C ARG C 18 10.57 16.69 21.66
N GLY C 19 10.59 15.36 21.55
CA GLY C 19 11.82 14.67 21.17
C GLY C 19 12.42 15.19 19.88
N ILE C 20 11.60 15.28 18.82
CA ILE C 20 12.05 15.82 17.55
C ILE C 20 12.54 17.25 17.73
N GLN C 21 11.81 18.00 18.54
CA GLN C 21 12.06 19.42 18.73
C GLN C 21 13.44 19.70 19.28
N LYS C 22 13.93 18.84 20.17
CA LYS C 22 15.31 18.96 20.62
C LYS C 22 16.27 18.84 19.44
N MET C 23 15.98 17.96 18.49
CA MET C 23 16.92 17.72 17.41
C MET C 23 16.99 18.90 16.46
N ILE C 24 15.84 19.53 16.18
CA ILE C 24 15.83 20.72 15.35
C ILE C 24 16.56 21.86 16.06
N GLU C 25 16.31 22.03 17.36
CA GLU C 25 17.16 22.87 18.20
C GLU C 25 18.63 22.48 18.12
N GLY C 26 18.92 21.20 17.90
CA GLY C 26 20.28 20.69 17.87
C GLY C 26 21.03 20.87 16.57
N ASP C 27 20.40 21.46 15.55
CA ASP C 27 20.86 21.34 14.16
C ASP C 27 21.20 19.89 13.81
N ARG C 28 20.36 18.97 14.28
CA ARG C 28 20.70 17.55 14.29
C ARG C 28 20.32 16.93 12.95
N ASP C 29 20.53 15.62 12.83
CA ASP C 29 20.64 14.98 11.52
C ASP C 29 19.31 15.06 10.77
N CYS C 30 19.34 15.65 9.57
CA CYS C 30 18.08 15.97 8.90
C CYS C 30 17.32 14.70 8.53
N ALA C 31 18.04 13.65 8.11
CA ALA C 31 17.40 12.39 7.78
C ALA C 31 16.68 11.79 8.98
N ASP C 32 17.31 11.82 10.16
CA ASP C 32 16.66 11.35 11.37
C ASP C 32 15.38 12.12 11.66
N ILE C 33 15.45 13.45 11.53
CA ILE C 33 14.31 14.28 11.90
C ILE C 33 13.09 13.92 11.06
N VAL C 34 13.28 13.74 9.75
CA VAL C 34 12.17 13.36 8.88
C VAL C 34 11.62 11.99 9.26
N THR C 35 12.51 11.02 9.48
CA THR C 35 12.07 9.69 9.88
C THR C 35 11.23 9.77 11.14
N GLN C 36 11.68 10.56 12.11
CA GLN C 36 10.98 10.62 13.40
C GLN C 36 9.66 11.38 13.26
N LEU C 37 9.61 12.42 12.43
CA LEU C 37 8.33 13.07 12.16
C LEU C 37 7.36 12.13 11.45
N THR C 38 7.87 11.33 10.50
CA THR C 38 7.02 10.40 9.77
C THR C 38 6.39 9.38 10.72
N ALA C 39 7.17 8.91 11.70
CA ALA C 39 6.65 8.00 12.71
C ALA C 39 5.55 8.65 13.55
N VAL C 40 5.73 9.91 13.95
CA VAL C 40 4.66 10.63 14.62
C VAL C 40 3.44 10.70 13.74
N ARG C 41 3.65 11.08 12.47
CA ARG C 41 2.51 11.17 11.56
C ARG C 41 1.76 9.84 11.47
N SER C 42 2.50 8.72 11.37
CA SER C 42 1.86 7.42 11.27
C SER C 42 1.13 7.04 12.55
N SER C 43 1.72 7.33 13.71
CA SER C 43 1.06 6.95 14.94
C SER C 43 -0.25 7.71 15.12
N VAL C 44 -0.28 8.99 14.74
CA VAL C 44 -1.53 9.73 14.76
C VAL C 44 -2.53 9.13 13.78
N GLU C 45 -2.07 8.80 12.57
CA GLU C 45 -2.96 8.21 11.57
C GLU C 45 -3.57 6.91 12.06
N ARG C 46 -2.77 6.06 12.70
CA ARG C 46 -3.32 4.78 13.13
C ARG C 46 -4.39 4.96 14.21
N VAL C 47 -4.25 5.97 15.08
CA VAL C 47 -5.37 6.31 15.96
C VAL C 47 -6.59 6.74 15.15
N ILE C 48 -6.37 7.55 14.11
CA ILE C 48 -7.47 7.99 13.27
C ILE C 48 -8.15 6.80 12.63
N GLU C 49 -7.36 5.89 12.06
CA GLU C 49 -7.96 4.72 11.41
C GLU C 49 -8.65 3.80 12.40
N MET C 50 -8.11 3.68 13.62
CA MET C 50 -8.76 2.84 14.61
C MET C 50 -10.12 3.40 14.97
N ILE C 51 -10.23 4.72 15.13
CA ILE C 51 -11.50 5.32 15.51
C ILE C 51 -12.53 5.12 14.39
N ILE C 52 -12.15 5.46 13.16
CA ILE C 52 -13.13 5.38 12.07
C ILE C 52 -13.49 3.94 11.78
N THR C 53 -12.54 3.01 11.94
CA THR C 53 -12.85 1.59 11.80
C THR C 53 -13.86 1.14 12.84
N GLU C 54 -13.61 1.48 14.10
CA GLU C 54 -14.56 1.17 15.17
C GLU C 54 -15.93 1.76 14.87
N ASN C 55 -15.99 3.00 14.44
CA ASN C 55 -17.30 3.63 14.25
C ASN C 55 -18.07 2.97 13.13
N LEU C 56 -17.39 2.59 12.03
CA LEU C 56 -18.08 1.89 10.94
C LEU C 56 -18.45 0.48 11.34
N THR C 57 -17.60 -0.18 12.15
CA THR C 57 -17.95 -1.50 12.67
C THR C 57 -19.23 -1.44 13.49
N GLU C 58 -19.30 -0.50 14.44
CA GLU C 58 -20.51 -0.34 15.23
C GLU C 58 -21.69 0.01 14.35
N CYS C 59 -21.45 0.79 13.29
CA CYS C 59 -22.55 1.16 12.41
C CYS C 59 -23.09 -0.05 11.66
N ILE C 60 -22.21 -0.93 11.19
CA ILE C 60 -22.68 -2.11 10.45
C ILE C 60 -23.32 -3.11 11.40
N ASN C 61 -22.68 -3.37 12.52
CA ASN C 61 -23.15 -4.41 13.44
C ASN C 61 -24.36 -4.00 14.24
N GLN C 62 -24.47 -2.72 14.61
CA GLN C 62 -25.56 -2.26 15.48
C GLN C 62 -26.31 -1.15 14.75
N PRO C 63 -27.09 -1.49 13.75
CA PRO C 63 -27.77 -0.46 12.96
C PRO C 63 -28.85 0.23 13.77
N LEU C 64 -29.15 1.48 13.40
CA LEU C 64 -30.26 2.19 14.01
C LEU C 64 -31.59 1.51 13.66
N ASP C 65 -32.59 1.76 14.51
CA ASP C 65 -33.91 1.21 14.27
C ASP C 65 -34.50 1.69 12.95
N ASP C 66 -34.40 2.98 12.67
CA ASP C 66 -35.06 3.58 11.52
C ASP C 66 -34.16 3.51 10.29
N SER C 67 -34.72 3.02 9.19
CA SER C 67 -33.91 2.69 8.03
C SER C 67 -33.26 3.95 7.44
N GLU C 68 -34.01 5.05 7.36
CA GLU C 68 -33.46 6.30 6.85
C GLU C 68 -32.37 6.84 7.78
N ALA C 69 -32.60 6.79 9.08
CA ALA C 69 -31.58 7.24 10.03
C ALA C 69 -30.32 6.40 9.89
N GLN C 70 -30.49 5.08 9.77
CA GLN C 70 -29.34 4.21 9.58
C GLN C 70 -28.60 4.52 8.28
N LYS C 71 -29.35 4.81 7.20
CA LYS C 71 -28.70 5.20 5.94
C LYS C 71 -27.80 6.43 6.10
N GLU C 72 -28.33 7.50 6.69
CA GLU C 72 -27.52 8.69 6.89
C GLU C 72 -26.33 8.38 7.78
N ARG C 73 -26.55 7.53 8.79
CA ARG C 73 -25.48 7.16 9.70
C ARG C 73 -24.40 6.34 9.00
N LEU C 74 -24.78 5.33 8.20
CA LEU C 74 -23.79 4.63 7.39
C LEU C 74 -23.05 5.56 6.45
N GLU C 75 -23.78 6.46 5.77
CA GLU C 75 -23.11 7.33 4.82
C GLU C 75 -21.98 8.09 5.49
N LYS C 76 -22.24 8.66 6.68
CA LYS C 76 -21.22 9.45 7.36
C LYS C 76 -20.04 8.58 7.81
N ALA C 77 -20.31 7.36 8.29
CA ALA C 77 -19.26 6.44 8.69
C ALA C 77 -18.37 6.06 7.49
N ILE C 78 -18.97 5.84 6.33
CA ILE C 78 -18.21 5.46 5.14
C ILE C 78 -17.40 6.64 4.64
N ARG C 79 -17.97 7.85 4.70
CA ARG C 79 -17.29 9.05 4.25
C ARG C 79 -15.98 9.28 5.00
N TYR C 80 -15.92 8.89 6.28
CA TYR C 80 -14.66 9.02 7.03
C TYR C 80 -13.58 8.08 6.50
N LEU C 81 -13.95 6.93 5.95
CA LEU C 81 -12.95 6.10 5.27
C LEU C 81 -12.29 6.80 4.11
N ILE C 82 -13.08 7.35 3.18
CA ILE C 82 -12.45 7.76 1.94
C ILE C 82 -11.94 9.19 2.02
N LYS C 83 -10.82 9.40 2.74
CA LYS C 83 -10.37 10.76 3.00
C LYS C 83 -8.91 11.06 2.64
N ARG C 84 -7.95 10.23 3.09
CA ARG C 84 -6.55 10.62 2.98
C ARG C 84 -6.01 10.20 1.62
CL CL D . 4.17 0.93 -1.84
CL CL E . -1.89 0.95 -1.56
CL CL F . 11.18 -8.14 0.41
CL CL G . -12.48 -6.73 -11.71
C1 PGE H . -1.16 0.74 -8.32
O1 PGE H . -1.10 1.64 -9.43
C2 PGE H . -2.62 0.45 -8.11
O2 PGE H . -3.27 0.55 -9.37
C3 PGE H . -4.59 0.05 -9.33
C4 PGE H . -4.57 -1.47 -9.41
O4 PGE H . -9.18 -2.40 -9.32
C6 PGE H . -8.04 -1.57 -9.60
C5 PGE H . -6.76 -2.33 -9.28
O3 PGE H . -5.71 -1.89 -10.13
CL CL I . -13.55 7.93 20.45
C1 GOL J . -9.73 2.92 30.58
O1 GOL J . -9.55 2.44 31.91
C2 GOL J . -10.56 1.91 29.72
O2 GOL J . -10.88 2.42 28.46
C3 GOL J . -9.70 0.61 29.60
O3 GOL J . -9.27 0.53 28.26
C1 PGE K . -0.20 6.96 6.43
O1 PGE K . 0.08 5.76 7.15
C2 PGE K . 0.38 8.09 7.26
O2 PGE K . 0.55 9.25 6.46
C3 PGE K . -0.39 10.27 6.70
C4 PGE K . -0.15 11.40 5.71
O4 PGE K . -2.08 15.51 5.10
C6 PGE K . -1.47 14.79 6.17
C5 PGE K . -1.49 13.31 5.83
O3 PGE K . -0.35 12.64 6.35
C1 PGE L . -8.04 6.71 6.13
O1 PGE L . -8.57 5.90 5.08
C2 PGE L . -8.70 8.08 6.09
O2 PGE L . -8.11 8.91 7.07
C3 PGE L . -8.34 10.30 6.87
C4 PGE L . -9.15 10.88 8.02
O4 PGE L . -12.26 14.18 8.56
C6 PGE L . -12.04 13.15 7.58
C5 PGE L . -11.23 12.02 8.20
O3 PGE L . -9.96 11.94 7.58
#